data_5IOO
#
_entry.id   5IOO
#
_cell.length_a   143.998
_cell.length_b   143.998
_cell.length_c   59.261
_cell.angle_alpha   90.00
_cell.angle_beta   90.00
_cell.angle_gamma   120.00
#
_symmetry.space_group_name_H-M   'P 61'
#
loop_
_entity.id
_entity.type
_entity.pdbx_description
1 polymer AvpA
2 non-polymer 'MAGNESIUM ION'
3 water water
#
_entity_poly.entity_id   1
_entity_poly.type   'polypeptide(L)'
_entity_poly.pdbx_seq_one_letter_code
;(MSE)EINRKQAKEFYNSD(MSE)ATALESCQKYGHALF(MSE)PELIDAKILATKGSSLLSNWLTAPSIRATGRTKQGN
PVVVYVHVDNYLSNPENIRNAERINGAGV(MSE)PVDEFQRLLDLGDNKNVFVIDYDKLKSSSSGVIPVERALEHPQTIP
FIGGEERAQRYLEKFKQVYGNNIGIWHCDDLKDEPLGRLLFVGDYCNNGLIGNYGIGNYARFVGVRGSASAEGTAQKISA
PTIEQILKVSKNFVPKATRKEYENKIKALYK
;
_entity_poly.pdbx_strand_id   A,B
#
# COMPACT_ATOMS: atom_id res chain seq x y z
N GLU A 2 -21.57 18.59 2.01
CA GLU A 2 -21.63 17.13 1.97
C GLU A 2 -21.00 16.49 3.21
N ILE A 3 -21.85 15.99 4.10
CA ILE A 3 -21.38 15.27 5.26
C ILE A 3 -22.13 13.94 5.36
N ASN A 4 -21.41 12.88 5.68
CA ASN A 4 -22.03 11.60 5.98
C ASN A 4 -21.83 11.37 7.47
N ARG A 5 -22.80 11.87 8.26
CA ARG A 5 -22.70 12.11 9.73
C ARG A 5 -21.42 12.87 10.14
N LYS A 6 -20.29 12.56 9.48
CA LYS A 6 -19.06 13.36 9.56
C LYS A 6 -18.75 13.93 8.17
N GLN A 7 -17.75 14.81 8.10
CA GLN A 7 -17.43 15.52 6.89
C GLN A 7 -16.92 14.56 5.81
N ALA A 8 -17.48 14.69 4.61
CA ALA A 8 -17.23 13.74 3.54
C ALA A 8 -16.83 14.43 2.25
N LYS A 9 -15.56 14.30 1.90
CA LYS A 9 -15.02 14.87 0.67
C LYS A 9 -14.89 13.79 -0.40
N GLU A 10 -15.05 14.15 -1.67
CA GLU A 10 -14.85 13.19 -2.75
C GLU A 10 -13.39 13.32 -3.28
N PHE A 11 -12.80 12.21 -3.77
CA PHE A 11 -11.39 12.18 -4.15
C PHE A 11 -11.10 11.60 -5.54
N TYR A 12 -11.01 12.50 -6.51
CA TYR A 12 -10.76 12.15 -7.90
C TYR A 12 -9.28 12.23 -8.24
N ASN A 13 -8.85 11.35 -9.14
CA ASN A 13 -7.55 11.48 -9.77
C ASN A 13 -7.50 10.56 -10.98
N SER A 14 -6.64 10.87 -11.95
CA SER A 14 -6.48 10.01 -13.12
C SER A 14 -5.48 8.92 -12.78
N ASP A 15 -4.88 9.06 -11.60
CA ASP A 15 -4.03 8.03 -11.00
C ASP A 15 -4.74 7.48 -9.76
N ALA A 17 -4.01 5.21 -7.48
CA ALA A 17 -3.21 5.16 -6.26
C ALA A 17 -3.11 6.52 -5.58
N THR A 18 -2.94 7.57 -6.37
CA THR A 18 -2.86 8.93 -5.81
C THR A 18 -4.17 9.33 -5.15
N ALA A 19 -5.29 9.00 -5.81
CA ALA A 19 -6.61 9.33 -5.27
C ALA A 19 -6.84 8.62 -3.94
N LEU A 20 -6.53 7.32 -3.91
CA LEU A 20 -6.74 6.55 -2.68
C LEU A 20 -5.87 7.07 -1.56
N GLU A 21 -4.60 7.33 -1.86
CA GLU A 21 -3.68 7.90 -0.89
C GLU A 21 -4.23 9.20 -0.28
N SER A 22 -4.70 10.13 -1.13
CA SER A 22 -5.34 11.37 -0.62
C SER A 22 -6.52 11.03 0.29
N CYS A 23 -7.39 10.15 -0.18
CA CYS A 23 -8.53 9.71 0.60
C CYS A 23 -8.15 9.12 1.97
N GLN A 24 -7.03 8.40 2.05
CA GLN A 24 -6.64 7.74 3.27
C GLN A 24 -5.88 8.66 4.21
N LYS A 25 -5.41 9.79 3.67
CA LYS A 25 -4.75 10.79 4.51
C LYS A 25 -5.80 11.59 5.26
N TYR A 26 -6.92 11.83 4.57
CA TYR A 26 -8.02 12.59 5.09
C TYR A 26 -8.81 11.85 6.14
N GLY A 27 -9.18 10.62 5.83
CA GLY A 27 -9.98 9.80 6.71
C GLY A 27 -9.96 8.39 6.14
N HIS A 28 -11.13 7.84 5.87
CA HIS A 28 -11.16 6.52 5.26
C HIS A 28 -12.14 6.48 4.10
N ALA A 29 -11.84 5.63 3.13
CA ALA A 29 -12.64 5.47 1.94
C ALA A 29 -13.77 4.49 2.18
N LEU A 30 -14.97 4.86 1.74
CA LEU A 30 -16.15 4.02 1.91
C LEU A 30 -16.11 2.80 1.00
N PHE A 31 -16.34 1.62 1.55
CA PHE A 31 -16.47 0.44 0.70
C PHE A 31 -17.83 0.45 0.04
N PRO A 33 -20.74 -1.21 0.04
CA PRO A 33 -22.02 -1.12 0.77
C PRO A 33 -22.36 0.29 1.31
N GLU A 34 -21.38 0.99 1.86
CA GLU A 34 -21.64 2.28 2.45
C GLU A 34 -21.69 3.34 1.36
N LEU A 35 -20.92 3.09 0.30
CA LEU A 35 -20.98 3.93 -0.87
C LEU A 35 -22.40 3.91 -1.44
N ILE A 36 -22.91 2.71 -1.70
CA ILE A 36 -24.29 2.52 -2.17
C ILE A 36 -25.33 3.19 -1.26
N ASP A 37 -25.21 2.98 0.05
CA ASP A 37 -26.17 3.56 1.00
C ASP A 37 -26.13 5.09 0.86
N ALA A 38 -24.91 5.64 0.91
CA ALA A 38 -24.68 7.08 0.78
C ALA A 38 -25.42 7.69 -0.41
N LYS A 39 -25.43 6.97 -1.53
CA LYS A 39 -26.19 7.39 -2.68
C LYS A 39 -27.69 7.35 -2.41
N ILE A 40 -28.13 6.32 -1.71
CA ILE A 40 -29.55 6.16 -1.40
C ILE A 40 -30.03 7.29 -0.50
N LEU A 41 -29.19 7.69 0.44
CA LEU A 41 -29.48 8.85 1.28
C LEU A 41 -29.46 10.20 0.55
N ALA A 42 -28.71 10.27 -0.54
CA ALA A 42 -28.51 11.53 -1.26
C ALA A 42 -29.75 11.88 -2.06
N THR A 43 -30.02 13.19 -2.21
CA THR A 43 -31.16 13.68 -3.00
C THR A 43 -30.78 14.14 -4.42
N LYS A 44 -31.78 14.25 -5.30
CA LYS A 44 -31.54 14.74 -6.66
C LYS A 44 -30.70 16.02 -6.63
N GLY A 45 -29.62 16.03 -7.42
CA GLY A 45 -28.73 17.17 -7.48
C GLY A 45 -27.37 16.89 -6.86
N SER A 46 -27.27 15.85 -6.05
CA SER A 46 -26.01 15.52 -5.37
C SER A 46 -24.95 15.05 -6.35
N SER A 47 -23.70 15.42 -6.10
CA SER A 47 -22.59 14.88 -6.90
C SER A 47 -22.43 13.36 -6.71
N LEU A 48 -22.89 12.83 -5.56
CA LEU A 48 -22.94 11.38 -5.37
C LEU A 48 -23.82 10.71 -6.41
N LEU A 49 -24.80 11.43 -6.93
CA LEU A 49 -25.69 10.81 -7.90
C LEU A 49 -25.27 11.13 -9.33
N SER A 50 -24.50 12.21 -9.54
CA SER A 50 -24.13 12.61 -10.90
C SER A 50 -22.70 12.22 -11.30
N ASN A 51 -21.84 11.97 -10.32
CA ASN A 51 -20.51 11.43 -10.59
C ASN A 51 -20.44 9.92 -10.44
N TRP A 52 -19.72 9.24 -11.33
CA TRP A 52 -19.40 7.83 -11.11
C TRP A 52 -18.45 7.75 -9.92
N LEU A 53 -18.44 6.62 -9.22
CA LEU A 53 -17.65 6.50 -7.97
C LEU A 53 -16.88 5.18 -7.86
N THR A 54 -15.82 5.18 -7.05
CA THR A 54 -14.95 4.05 -6.88
C THR A 54 -14.94 3.66 -5.43
N ALA A 55 -14.86 2.36 -5.17
CA ALA A 55 -14.72 1.88 -3.79
C ALA A 55 -13.50 0.97 -3.66
N PRO A 56 -12.88 0.99 -2.49
CA PRO A 56 -11.77 0.07 -2.31
C PRO A 56 -12.27 -1.38 -2.18
N SER A 57 -13.57 -1.60 -2.26
CA SER A 57 -14.09 -2.94 -2.46
C SER A 57 -13.47 -3.53 -3.72
N ILE A 58 -13.31 -4.85 -3.79
CA ILE A 58 -12.83 -5.46 -5.04
C ILE A 58 -13.67 -6.64 -5.53
N ARG A 59 -13.47 -7.00 -6.79
CA ARG A 59 -13.95 -8.26 -7.30
C ARG A 59 -12.71 -9.04 -7.74
N ALA A 60 -12.47 -10.16 -7.07
CA ALA A 60 -11.29 -11.00 -7.29
C ALA A 60 -11.63 -12.37 -7.87
N THR A 61 -10.80 -12.85 -8.78
CA THR A 61 -11.02 -14.15 -9.37
C THR A 61 -9.76 -15.01 -9.21
N GLY A 62 -9.97 -16.23 -8.71
CA GLY A 62 -8.87 -17.14 -8.44
C GLY A 62 -9.35 -18.55 -8.11
N ARG A 63 -8.53 -19.32 -7.41
CA ARG A 63 -8.87 -20.69 -7.11
C ARG A 63 -8.89 -20.94 -5.62
N THR A 64 -9.88 -21.71 -5.18
CA THR A 64 -9.86 -22.25 -3.82
C THR A 64 -8.66 -23.18 -3.66
N LYS A 65 -8.32 -23.51 -2.41
CA LYS A 65 -7.25 -24.48 -2.13
C LYS A 65 -7.40 -25.76 -2.94
N GLN A 66 -8.64 -26.16 -3.18
CA GLN A 66 -8.96 -27.37 -3.95
C GLN A 66 -8.89 -27.10 -5.44
N GLY A 67 -8.58 -25.86 -5.78
CA GLY A 67 -8.34 -25.46 -7.15
C GLY A 67 -9.61 -25.24 -7.93
N ASN A 68 -10.69 -24.91 -7.24
CA ASN A 68 -11.91 -24.54 -7.95
C ASN A 68 -11.94 -23.05 -8.22
N PRO A 69 -12.26 -22.70 -9.47
CA PRO A 69 -12.28 -21.27 -9.81
C PRO A 69 -13.44 -20.59 -9.08
N VAL A 70 -13.19 -19.43 -8.48
CA VAL A 70 -14.27 -18.69 -7.85
C VAL A 70 -14.08 -17.18 -7.95
N VAL A 71 -15.19 -16.47 -7.85
CA VAL A 71 -15.14 -15.03 -7.85
C VAL A 71 -15.57 -14.61 -6.47
N VAL A 72 -14.87 -13.65 -5.88
CA VAL A 72 -15.22 -13.17 -4.55
C VAL A 72 -15.32 -11.62 -4.52
N TYR A 73 -16.36 -11.11 -3.88
CA TYR A 73 -16.58 -9.68 -3.78
C TYR A 73 -16.22 -9.29 -2.37
N VAL A 74 -15.30 -8.33 -2.25
CA VAL A 74 -14.63 -8.06 -0.98
C VAL A 74 -14.91 -6.62 -0.53
N HIS A 75 -15.48 -6.49 0.66
CA HIS A 75 -15.89 -5.20 1.17
C HIS A 75 -15.16 -4.89 2.46
N VAL A 76 -13.93 -5.37 2.55
CA VAL A 76 -13.07 -5.12 3.71
C VAL A 76 -11.68 -4.79 3.21
N ASP A 77 -10.83 -4.31 4.12
CA ASP A 77 -9.43 -4.06 3.78
C ASP A 77 -8.80 -5.25 3.09
N ASN A 78 -8.10 -4.95 2.01
CA ASN A 78 -7.43 -5.99 1.26
C ASN A 78 -6.16 -5.46 0.62
N TYR A 79 -5.49 -6.36 -0.10
CA TYR A 79 -4.20 -6.09 -0.71
C TYR A 79 -4.26 -4.92 -1.72
N LEU A 80 -5.41 -4.80 -2.38
CA LEU A 80 -5.54 -3.83 -3.45
C LEU A 80 -6.16 -2.53 -2.96
N SER A 81 -6.43 -2.42 -1.66
CA SER A 81 -6.90 -1.18 -1.07
C SER A 81 -5.72 -0.48 -0.38
N ASN A 82 -4.52 -0.99 -0.66
CA ASN A 82 -3.27 -0.32 -0.32
C ASN A 82 -2.71 0.30 -1.60
N PRO A 83 -2.58 1.64 -1.64
CA PRO A 83 -2.08 2.36 -2.82
C PRO A 83 -0.75 1.85 -3.36
N GLU A 84 0.21 1.52 -2.50
CA GLU A 84 1.50 1.01 -2.97
C GLU A 84 1.33 -0.25 -3.82
N ASN A 85 0.28 -1.01 -3.57
CA ASN A 85 0.06 -2.23 -4.33
C ASN A 85 -0.61 -1.98 -5.64
N ILE A 86 -1.55 -1.04 -5.64
CA ILE A 86 -2.17 -0.63 -6.87
C ILE A 86 -1.08 -0.16 -7.84
N ARG A 87 -0.08 0.53 -7.32
CA ARG A 87 1.03 1.00 -8.15
C ARG A 87 1.89 -0.13 -8.73
N ASN A 88 2.19 -1.11 -7.87
CA ASN A 88 3.32 -2.00 -8.12
C ASN A 88 3.01 -3.43 -8.49
N ALA A 89 1.79 -3.88 -8.20
CA ALA A 89 1.40 -5.24 -8.52
C ALA A 89 1.35 -5.43 -10.01
N GLU A 90 1.60 -6.66 -10.45
CA GLU A 90 1.47 -6.96 -11.86
C GLU A 90 0.02 -6.78 -12.28
N ARG A 91 -0.19 -6.34 -13.51
CA ARG A 91 -1.55 -6.21 -14.04
C ARG A 91 -1.74 -7.17 -15.22
N ILE A 92 -2.85 -7.92 -15.21
CA ILE A 92 -3.20 -8.78 -16.33
C ILE A 92 -4.59 -8.39 -16.85
N ASN A 93 -4.63 -7.85 -18.07
CA ASN A 93 -5.84 -7.22 -18.64
C ASN A 93 -6.50 -6.23 -17.70
N GLY A 94 -5.72 -5.40 -17.04
CA GLY A 94 -6.28 -4.40 -16.16
C GLY A 94 -6.43 -4.81 -14.71
N ALA A 95 -6.47 -6.11 -14.44
CA ALA A 95 -6.64 -6.59 -13.08
C ALA A 95 -5.29 -6.68 -12.33
N GLY A 96 -5.28 -6.33 -11.05
CA GLY A 96 -4.07 -6.46 -10.26
C GLY A 96 -3.86 -7.90 -9.75
N VAL A 97 -2.61 -8.34 -9.84
CA VAL A 97 -2.21 -9.65 -9.33
C VAL A 97 -2.11 -9.60 -7.83
N PRO A 99 -1.30 -11.86 -4.06
CA PRO A 99 -0.68 -13.07 -3.51
C PRO A 99 -1.70 -14.17 -3.26
N VAL A 100 -1.32 -15.41 -3.51
CA VAL A 100 -2.20 -16.54 -3.24
C VAL A 100 -2.69 -16.49 -1.79
N ASP A 101 -1.78 -16.15 -0.89
CA ASP A 101 -2.11 -16.06 0.53
C ASP A 101 -3.27 -15.11 0.76
N GLU A 102 -3.19 -13.91 0.16
CA GLU A 102 -4.25 -12.91 0.30
C GLU A 102 -5.58 -13.44 -0.20
N PHE A 103 -5.59 -13.96 -1.42
CA PHE A 103 -6.82 -14.50 -1.98
C PHE A 103 -7.42 -15.59 -1.06
N GLN A 104 -6.57 -16.43 -0.47
CA GLN A 104 -7.07 -17.46 0.44
C GLN A 104 -7.52 -16.87 1.76
N ARG A 105 -6.80 -15.87 2.27
CA ARG A 105 -7.29 -15.17 3.46
C ARG A 105 -8.67 -14.54 3.23
N LEU A 106 -8.95 -14.01 2.03
CA LEU A 106 -10.28 -13.43 1.80
C LEU A 106 -11.34 -14.53 1.69
N LEU A 107 -11.01 -15.62 1.00
CA LEU A 107 -11.89 -16.80 0.94
C LEU A 107 -12.40 -17.28 2.32
N ASP A 108 -11.54 -17.17 3.33
CA ASP A 108 -11.90 -17.67 4.64
C ASP A 108 -12.80 -16.68 5.37
N LEU A 109 -12.81 -15.43 4.90
CA LEU A 109 -13.66 -14.39 5.49
C LEU A 109 -15.06 -14.40 4.90
N GLY A 110 -15.27 -15.30 3.94
CA GLY A 110 -16.55 -15.48 3.31
C GLY A 110 -17.66 -15.76 4.30
N ASP A 111 -18.32 -14.71 4.76
CA ASP A 111 -19.68 -14.82 5.27
C ASP A 111 -20.51 -14.47 4.06
N ASN A 112 -21.74 -14.02 4.19
CA ASN A 112 -22.37 -13.44 2.99
C ASN A 112 -22.76 -12.03 3.34
N LYS A 113 -21.81 -11.32 3.90
CA LYS A 113 -22.06 -10.04 4.51
C LYS A 113 -20.91 -9.08 4.22
N ASN A 114 -19.69 -9.49 4.53
CA ASN A 114 -18.52 -8.66 4.29
C ASN A 114 -17.75 -9.10 3.06
N VAL A 115 -17.85 -10.39 2.75
CA VAL A 115 -17.09 -11.04 1.69
C VAL A 115 -18.01 -12.07 1.07
N PHE A 116 -18.26 -11.98 -0.22
CA PHE A 116 -19.16 -12.94 -0.85
C PHE A 116 -18.38 -13.77 -1.82
N VAL A 117 -18.35 -15.08 -1.61
CA VAL A 117 -17.72 -15.99 -2.56
C VAL A 117 -18.81 -16.58 -3.43
N ILE A 118 -18.58 -16.63 -4.73
CA ILE A 118 -19.53 -17.25 -5.64
C ILE A 118 -18.77 -18.08 -6.67
N ASP A 119 -19.51 -18.87 -7.43
CA ASP A 119 -18.92 -19.82 -8.33
C ASP A 119 -18.59 -19.11 -9.63
N TYR A 120 -17.37 -19.34 -10.13
CA TYR A 120 -16.85 -18.72 -11.34
C TYR A 120 -17.76 -18.91 -12.55
N ASP A 121 -18.14 -20.16 -12.80
CA ASP A 121 -19.00 -20.51 -13.92
C ASP A 121 -20.35 -19.77 -13.85
N LYS A 122 -20.80 -19.51 -12.63
CA LYS A 122 -22.08 -18.85 -12.44
C LYS A 122 -22.02 -17.40 -12.96
N LEU A 123 -20.93 -16.69 -12.66
CA LEU A 123 -20.77 -15.32 -13.15
C LEU A 123 -20.45 -15.35 -14.64
N LYS A 124 -19.56 -16.24 -15.04
CA LYS A 124 -19.09 -16.27 -16.42
C LYS A 124 -20.21 -16.56 -17.42
N SER A 125 -21.19 -17.36 -16.99
CA SER A 125 -22.38 -17.65 -17.80
C SER A 125 -23.41 -16.52 -17.75
N SER A 126 -23.20 -15.51 -16.90
CA SER A 126 -24.18 -14.43 -16.79
C SER A 126 -23.87 -13.29 -17.76
N SER A 127 -24.84 -12.39 -17.94
CA SER A 127 -24.70 -11.31 -18.88
C SER A 127 -23.69 -10.31 -18.35
N SER A 128 -23.10 -9.58 -19.28
CA SER A 128 -22.27 -8.42 -18.98
C SER A 128 -22.83 -7.27 -19.81
N GLY A 129 -23.56 -6.38 -19.15
CA GLY A 129 -24.22 -5.30 -19.87
C GLY A 129 -25.48 -4.78 -19.22
N VAL A 130 -26.28 -4.08 -20.00
CA VAL A 130 -27.51 -3.45 -19.50
C VAL A 130 -28.68 -4.43 -19.58
N ILE A 131 -29.42 -4.54 -18.48
CA ILE A 131 -30.56 -5.44 -18.41
C ILE A 131 -31.64 -4.72 -17.63
N PRO A 132 -32.90 -5.11 -17.83
CA PRO A 132 -33.95 -4.43 -17.08
C PRO A 132 -33.76 -4.61 -15.59
N VAL A 133 -33.95 -3.54 -14.81
CA VAL A 133 -33.89 -3.62 -13.34
C VAL A 133 -34.63 -4.84 -12.80
N GLU A 134 -35.74 -5.21 -13.45
CA GLU A 134 -36.53 -6.38 -13.10
C GLU A 134 -35.67 -7.62 -12.91
N ARG A 135 -34.74 -7.83 -13.83
CA ARG A 135 -33.87 -9.00 -13.80
C ARG A 135 -32.59 -8.79 -12.99
N ALA A 136 -32.42 -7.61 -12.42
CA ALA A 136 -31.14 -7.28 -11.79
C ALA A 136 -30.86 -8.17 -10.59
N LEU A 137 -31.80 -8.23 -9.67
CA LEU A 137 -31.58 -8.90 -8.38
C LEU A 137 -31.22 -10.39 -8.50
N GLU A 138 -31.70 -11.05 -9.54
CA GLU A 138 -31.39 -12.46 -9.77
C GLU A 138 -30.05 -12.68 -10.47
N HIS A 139 -29.41 -11.57 -10.89
CA HIS A 139 -28.11 -11.63 -11.56
C HIS A 139 -27.09 -12.01 -10.50
N PRO A 140 -26.11 -12.85 -10.87
CA PRO A 140 -25.15 -13.32 -9.87
C PRO A 140 -24.26 -12.21 -9.28
N GLN A 141 -24.11 -11.09 -9.98
CA GLN A 141 -23.21 -10.07 -9.47
C GLN A 141 -23.88 -9.13 -8.47
N THR A 142 -25.15 -8.82 -8.71
CA THR A 142 -25.81 -7.69 -8.03
C THR A 142 -25.65 -7.66 -6.51
N ILE A 143 -26.02 -8.78 -5.89
CA ILE A 143 -26.11 -8.90 -4.45
C ILE A 143 -24.73 -8.95 -3.79
N PRO A 144 -23.80 -9.79 -4.30
CA PRO A 144 -22.47 -9.73 -3.69
C PRO A 144 -21.81 -8.37 -3.95
N PHE A 145 -21.96 -7.85 -5.17
CA PHE A 145 -21.45 -6.51 -5.50
C PHE A 145 -21.90 -5.47 -4.49
N ILE A 146 -23.20 -5.38 -4.27
CA ILE A 146 -23.74 -4.29 -3.46
C ILE A 146 -23.57 -4.57 -1.98
N GLY A 147 -23.67 -5.83 -1.60
CA GLY A 147 -23.38 -6.22 -0.23
C GLY A 147 -24.64 -6.51 0.55
N GLY A 148 -25.44 -7.45 0.06
CA GLY A 148 -26.59 -7.87 0.81
C GLY A 148 -27.85 -7.75 0.00
N GLU A 149 -28.75 -8.72 0.16
CA GLU A 149 -29.99 -8.73 -0.62
C GLU A 149 -30.87 -7.54 -0.28
N GLU A 150 -30.93 -7.19 1.00
CA GLU A 150 -31.73 -6.04 1.39
C GLU A 150 -31.18 -4.78 0.74
N ARG A 151 -29.89 -4.52 0.99
CA ARG A 151 -29.25 -3.35 0.44
C ARG A 151 -29.39 -3.32 -1.08
N ALA A 152 -29.26 -4.46 -1.73
CA ALA A 152 -29.35 -4.47 -3.18
C ALA A 152 -30.74 -4.09 -3.64
N GLN A 153 -31.79 -4.60 -3.00
CA GLN A 153 -33.14 -4.29 -3.45
C GLN A 153 -33.44 -2.81 -3.14
N ARG A 154 -32.89 -2.36 -2.02
CA ARG A 154 -32.91 -0.97 -1.62
C ARG A 154 -32.37 -0.03 -2.71
N TYR A 155 -31.15 -0.30 -3.18
CA TYR A 155 -30.51 0.51 -4.22
C TYR A 155 -31.22 0.42 -5.58
N LEU A 156 -31.77 -0.74 -5.92
CA LEU A 156 -32.50 -0.92 -7.17
C LEU A 156 -33.75 -0.02 -7.19
N GLU A 157 -34.26 0.24 -5.99
CA GLU A 157 -35.41 1.10 -5.83
C GLU A 157 -35.00 2.51 -6.20
N LYS A 158 -33.99 3.02 -5.51
CA LYS A 158 -33.37 4.30 -5.80
C LYS A 158 -32.95 4.41 -7.25
N PHE A 159 -32.41 3.32 -7.78
CA PHE A 159 -31.91 3.33 -9.14
C PHE A 159 -33.03 3.56 -10.16
N LYS A 160 -34.18 2.96 -9.93
CA LYS A 160 -35.31 3.14 -10.85
C LYS A 160 -35.77 4.60 -10.84
N GLN A 161 -35.62 5.24 -9.70
CA GLN A 161 -36.05 6.61 -9.51
C GLN A 161 -35.06 7.60 -10.09
N VAL A 162 -33.76 7.27 -10.05
CA VAL A 162 -32.73 8.22 -10.48
C VAL A 162 -32.22 7.99 -11.91
N TYR A 163 -31.85 6.75 -12.22
CA TYR A 163 -31.16 6.42 -13.46
C TYR A 163 -32.07 5.72 -14.44
N GLY A 164 -33.17 5.15 -13.94
CA GLY A 164 -34.11 4.47 -14.82
C GLY A 164 -34.36 3.00 -14.62
N ASN A 165 -34.70 2.36 -15.73
CA ASN A 165 -35.40 1.06 -15.77
C ASN A 165 -34.56 -0.09 -16.31
N ASN A 166 -33.38 0.29 -16.76
CA ASN A 166 -32.36 -0.63 -17.22
C ASN A 166 -31.05 -0.33 -16.49
N ILE A 167 -30.39 -1.37 -15.98
CA ILE A 167 -29.17 -1.18 -15.20
C ILE A 167 -28.01 -1.90 -15.87
N GLY A 168 -26.82 -1.31 -15.81
CA GLY A 168 -25.62 -1.98 -16.25
C GLY A 168 -25.03 -2.83 -15.13
N ILE A 169 -24.87 -4.14 -15.42
CA ILE A 169 -24.13 -5.06 -14.55
C ILE A 169 -22.97 -5.65 -15.37
N TRP A 170 -21.75 -5.15 -15.13
CA TRP A 170 -20.61 -5.50 -15.99
C TRP A 170 -19.49 -6.30 -15.32
N HIS A 171 -18.91 -7.23 -16.07
CA HIS A 171 -17.83 -8.08 -15.56
C HIS A 171 -17.07 -8.68 -16.73
N CYS A 172 -15.85 -9.13 -16.48
CA CYS A 172 -15.08 -9.86 -17.48
C CYS A 172 -14.39 -11.12 -16.90
N ASP A 173 -13.78 -11.92 -17.77
CA ASP A 173 -13.12 -13.17 -17.38
C ASP A 173 -11.74 -12.96 -16.79
N ASP A 174 -11.62 -13.02 -15.47
CA ASP A 174 -10.32 -12.81 -14.82
C ASP A 174 -9.69 -14.10 -14.27
N LEU A 175 -10.06 -15.25 -14.83
CA LEU A 175 -9.44 -16.51 -14.43
C LEU A 175 -8.17 -16.74 -15.24
N LYS A 176 -7.02 -16.54 -14.60
CA LYS A 176 -5.75 -16.53 -15.28
C LYS A 176 -4.79 -17.30 -14.43
N ASP A 177 -3.49 -17.21 -14.68
CA ASP A 177 -2.58 -18.06 -13.92
C ASP A 177 -2.25 -17.45 -12.58
N GLU A 178 -2.86 -16.31 -12.29
CA GLU A 178 -2.68 -15.63 -11.02
C GLU A 178 -4.04 -15.22 -10.47
N PRO A 179 -4.14 -15.05 -9.14
CA PRO A 179 -5.31 -14.37 -8.59
C PRO A 179 -5.36 -12.87 -9.03
N LEU A 180 -6.53 -12.41 -9.47
CA LEU A 180 -6.68 -11.08 -10.08
C LEU A 180 -7.81 -10.27 -9.43
N GLY A 181 -7.51 -9.01 -9.10
CA GLY A 181 -8.49 -8.14 -8.46
C GLY A 181 -8.71 -6.83 -9.20
N ARG A 182 -9.95 -6.34 -9.18
CA ARG A 182 -10.28 -4.97 -9.65
C ARG A 182 -11.15 -4.20 -8.64
N LEU A 183 -10.80 -2.95 -8.33
CA LEU A 183 -11.67 -2.12 -7.51
C LEU A 183 -13.03 -1.93 -8.22
N LEU A 184 -14.08 -1.70 -7.43
CA LEU A 184 -15.43 -1.66 -7.95
C LEU A 184 -15.85 -0.21 -8.24
N PHE A 185 -16.65 -0.03 -9.29
CA PHE A 185 -17.15 1.30 -9.64
C PHE A 185 -18.66 1.28 -9.68
N VAL A 186 -19.26 2.33 -9.14
CA VAL A 186 -20.69 2.50 -9.31
C VAL A 186 -20.94 3.72 -10.21
N GLY A 187 -21.67 3.47 -11.30
CA GLY A 187 -21.88 4.43 -12.34
C GLY A 187 -22.77 5.63 -12.06
N ASP A 188 -23.05 6.36 -13.12
CA ASP A 188 -23.84 7.58 -13.03
C ASP A 188 -24.82 7.63 -14.20
N TYR A 189 -25.18 8.84 -14.63
CA TYR A 189 -26.12 9.00 -15.74
C TYR A 189 -25.47 8.53 -17.02
N CYS A 190 -24.16 8.74 -17.10
CA CYS A 190 -23.41 8.42 -18.31
C CYS A 190 -23.07 6.92 -18.32
N ASN A 191 -22.10 6.57 -17.47
CA ASN A 191 -21.66 5.20 -17.27
C ASN A 191 -22.63 4.49 -16.33
N ASN A 192 -23.40 3.56 -16.88
CA ASN A 192 -24.57 3.04 -16.16
C ASN A 192 -24.32 1.79 -15.33
N GLY A 193 -24.39 1.93 -14.00
CA GLY A 193 -24.63 0.81 -13.10
C GLY A 193 -23.55 0.21 -12.20
N LEU A 194 -23.51 -1.13 -12.20
CA LEU A 194 -22.60 -1.89 -11.35
C LEU A 194 -21.40 -2.37 -12.17
N ILE A 195 -20.27 -1.68 -12.00
CA ILE A 195 -19.13 -1.84 -12.91
C ILE A 195 -17.95 -2.60 -12.27
N GLY A 196 -17.80 -3.86 -12.66
CA GLY A 196 -16.77 -4.70 -12.11
C GLY A 196 -15.91 -5.30 -13.21
N ASN A 197 -15.74 -4.56 -14.30
CA ASN A 197 -14.83 -4.99 -15.35
C ASN A 197 -13.79 -3.92 -15.66
N TYR A 198 -13.62 -2.97 -14.75
CA TYR A 198 -12.75 -1.82 -14.98
C TYR A 198 -11.32 -2.03 -14.49
N GLY A 199 -10.35 -1.62 -15.31
CA GLY A 199 -8.94 -1.82 -14.97
C GLY A 199 -8.52 -0.97 -13.78
N ILE A 200 -7.46 -1.38 -13.09
CA ILE A 200 -6.99 -0.59 -11.96
C ILE A 200 -5.88 0.35 -12.40
N GLY A 201 -5.55 1.31 -11.53
CA GLY A 201 -4.39 2.16 -11.70
C GLY A 201 -4.68 3.54 -12.28
N ASN A 202 -5.77 3.60 -13.04
CA ASN A 202 -6.14 4.77 -13.80
C ASN A 202 -7.22 5.59 -13.09
N TYR A 203 -8.28 5.98 -13.79
CA TYR A 203 -9.23 6.93 -13.22
C TYR A 203 -9.90 6.37 -11.98
N ALA A 204 -10.10 7.20 -10.98
CA ALA A 204 -10.74 6.77 -9.75
C ALA A 204 -11.36 7.95 -9.05
N ARG A 205 -12.48 7.73 -8.38
CA ARG A 205 -13.07 8.78 -7.56
C ARG A 205 -13.59 8.16 -6.28
N PHE A 206 -12.84 8.35 -5.20
CA PHE A 206 -13.22 7.78 -3.92
C PHE A 206 -14.02 8.77 -3.09
N VAL A 207 -14.77 8.24 -2.12
CA VAL A 207 -15.40 9.05 -1.09
C VAL A 207 -14.78 8.77 0.28
N GLY A 208 -14.22 9.81 0.90
CA GLY A 208 -13.56 9.69 2.18
C GLY A 208 -14.39 10.31 3.27
N VAL A 209 -14.29 9.80 4.49
CA VAL A 209 -15.05 10.35 5.60
C VAL A 209 -14.10 10.55 6.77
N ARG A 210 -14.36 11.56 7.60
CA ARG A 210 -13.40 11.92 8.62
C ARG A 210 -13.89 11.61 10.03
N GLU B 2 34.26 -10.55 8.00
CA GLU B 2 33.86 -9.99 9.29
C GLU B 2 33.84 -8.45 9.30
N ILE B 3 33.25 -7.85 10.33
CA ILE B 3 33.05 -6.39 10.40
C ILE B 3 34.08 -5.66 11.28
N ASN B 4 34.93 -4.87 10.63
CA ASN B 4 36.22 -4.46 11.18
C ASN B 4 36.99 -5.75 11.43
N ARG B 5 37.40 -6.03 12.66
CA ARG B 5 37.94 -7.36 12.93
C ARG B 5 37.07 -8.05 13.98
N LYS B 6 35.76 -7.97 13.74
CA LYS B 6 34.71 -8.63 14.51
C LYS B 6 33.71 -9.21 13.51
N GLN B 7 33.50 -10.53 13.49
CA GLN B 7 32.44 -11.04 12.60
C GLN B 7 31.09 -10.88 13.25
N ALA B 8 30.13 -10.51 12.42
CA ALA B 8 28.79 -10.29 12.90
C ALA B 8 28.01 -11.58 12.81
N LYS B 9 26.88 -11.58 13.48
CA LYS B 9 25.83 -12.54 13.19
C LYS B 9 24.67 -11.76 12.56
N GLU B 10 23.95 -12.40 11.64
CA GLU B 10 22.68 -11.88 11.15
C GLU B 10 21.55 -12.26 12.11
N PHE B 11 20.49 -11.46 12.10
CA PHE B 11 19.37 -11.72 13.01
C PHE B 11 18.02 -11.73 12.30
N TYR B 12 17.83 -12.65 11.36
CA TYR B 12 16.53 -12.86 10.73
C TYR B 12 15.46 -13.29 11.74
N ASN B 13 14.24 -12.80 11.55
CA ASN B 13 13.07 -13.25 12.32
C ASN B 13 11.79 -12.69 11.71
N SER B 14 10.81 -13.56 11.48
CA SER B 14 9.50 -13.15 10.99
C SER B 14 8.81 -12.13 11.92
N ASP B 15 9.27 -12.06 13.16
CA ASP B 15 8.90 -10.96 14.04
C ASP B 15 10.08 -10.00 14.06
N ALA B 17 10.58 -7.24 16.13
CA ALA B 17 11.03 -6.75 17.44
C ALA B 17 11.85 -7.80 18.20
N THR B 18 11.47 -9.07 18.09
CA THR B 18 12.28 -10.13 18.66
C THR B 18 13.64 -10.06 18.00
N ALA B 19 13.62 -9.96 16.68
CA ALA B 19 14.84 -9.90 15.86
C ALA B 19 15.80 -8.80 16.31
N LEU B 20 15.26 -7.68 16.76
CA LEU B 20 16.09 -6.53 17.08
C LEU B 20 16.83 -6.68 18.41
N GLU B 21 16.11 -7.00 19.48
CA GLU B 21 16.81 -7.16 20.75
C GLU B 21 17.46 -8.52 20.89
N SER B 22 17.11 -9.46 20.01
CA SER B 22 17.95 -10.64 19.83
C SER B 22 19.34 -10.17 19.42
N CYS B 23 19.36 -9.14 18.56
CA CYS B 23 20.58 -8.50 18.10
C CYS B 23 21.13 -7.50 19.14
N GLN B 24 20.26 -6.76 19.81
CA GLN B 24 20.72 -5.87 20.86
C GLN B 24 21.16 -6.63 22.12
N LYS B 25 20.68 -7.87 22.23
CA LYS B 25 21.19 -8.87 23.17
C LYS B 25 22.70 -9.01 23.00
N TYR B 26 23.07 -9.39 21.79
CA TYR B 26 24.41 -9.31 21.24
C TYR B 26 25.01 -7.90 21.40
N GLY B 27 25.64 -7.40 20.34
CA GLY B 27 26.30 -6.10 20.44
C GLY B 27 25.55 -4.94 19.81
N HIS B 28 26.09 -4.44 18.70
CA HIS B 28 25.40 -3.48 17.83
C HIS B 28 24.96 -4.29 16.60
N ALA B 29 23.72 -4.27 16.12
CA ALA B 29 22.71 -3.19 16.15
C ALA B 29 23.20 -2.03 15.29
N LEU B 30 23.74 -2.34 14.11
CA LEU B 30 24.32 -1.29 13.28
C LEU B 30 23.36 -0.71 12.22
N PHE B 31 23.23 0.62 12.29
CA PHE B 31 22.42 1.39 11.37
C PHE B 31 22.91 1.31 9.90
N PRO B 33 24.29 3.33 7.49
CA PRO B 33 25.60 3.72 6.93
C PRO B 33 26.69 2.66 7.14
N GLU B 34 26.73 2.13 8.36
CA GLU B 34 27.62 1.04 8.73
C GLU B 34 27.28 -0.18 7.90
N LEU B 35 25.98 -0.40 7.75
CA LEU B 35 25.48 -1.49 6.93
C LEU B 35 25.97 -1.37 5.48
N ILE B 36 25.86 -0.16 4.93
CA ILE B 36 26.33 0.13 3.57
C ILE B 36 27.85 -0.11 3.41
N ASP B 37 28.61 0.39 4.38
CA ASP B 37 30.06 0.18 4.38
C ASP B 37 30.41 -1.31 4.41
N ALA B 38 29.63 -2.08 5.17
CA ALA B 38 29.82 -3.53 5.24
C ALA B 38 29.72 -4.15 3.85
N LYS B 39 28.65 -3.78 3.15
CA LYS B 39 28.38 -4.33 1.85
C LYS B 39 29.48 -3.95 0.87
N ILE B 40 29.98 -2.71 0.97
CA ILE B 40 31.03 -2.23 0.06
C ILE B 40 32.30 -3.05 0.27
N LEU B 41 32.64 -3.26 1.53
CA LEU B 41 33.78 -4.12 1.87
C LEU B 41 33.54 -5.63 1.60
N ALA B 42 32.29 -6.08 1.60
CA ALA B 42 31.99 -7.51 1.41
C ALA B 42 32.41 -8.12 0.05
N THR B 43 32.71 -9.43 0.04
CA THR B 43 33.16 -10.15 -1.16
C THR B 43 31.98 -10.81 -1.89
N LYS B 44 32.13 -11.14 -3.17
CA LYS B 44 31.03 -11.76 -3.91
C LYS B 44 30.56 -13.01 -3.18
N GLY B 45 29.31 -13.38 -3.38
CA GLY B 45 28.79 -14.55 -2.70
C GLY B 45 28.54 -14.32 -1.22
N SER B 46 29.10 -13.25 -0.65
CA SER B 46 28.92 -12.97 0.77
C SER B 46 27.46 -12.83 1.17
N SER B 47 27.16 -13.29 2.38
CA SER B 47 25.80 -13.22 2.89
C SER B 47 25.28 -11.78 2.92
N LEU B 48 26.18 -10.83 3.07
CA LEU B 48 25.78 -9.43 3.20
C LEU B 48 25.34 -8.89 1.85
N LEU B 49 25.77 -9.55 0.78
CA LEU B 49 25.37 -9.20 -0.58
C LEU B 49 24.19 -10.02 -1.10
N SER B 50 24.05 -11.26 -0.67
CA SER B 50 23.00 -12.14 -1.17
C SER B 50 21.69 -11.93 -0.43
N ASN B 51 21.78 -11.59 0.85
CA ASN B 51 20.58 -11.33 1.61
C ASN B 51 20.08 -9.90 1.52
N TRP B 52 18.82 -9.71 1.88
CA TRP B 52 18.34 -8.38 2.16
C TRP B 52 18.57 -8.18 3.64
N LEU B 53 18.69 -6.91 4.05
CA LEU B 53 19.08 -6.58 5.40
C LEU B 53 18.21 -5.45 5.97
N THR B 54 18.28 -5.22 7.28
CA THR B 54 17.46 -4.24 7.94
C THR B 54 18.33 -3.46 8.93
N ALA B 55 18.03 -2.16 9.08
CA ALA B 55 18.78 -1.33 9.99
C ALA B 55 17.85 -0.63 10.96
N PRO B 56 18.36 -0.37 12.16
CA PRO B 56 17.71 0.44 13.20
C PRO B 56 17.42 1.85 12.74
N SER B 57 17.92 2.16 11.55
CA SER B 57 17.69 3.46 10.93
C SER B 57 16.22 3.60 10.54
N ILE B 58 15.66 4.80 10.71
CA ILE B 58 14.29 5.03 10.33
C ILE B 58 14.10 6.17 9.33
N ARG B 59 13.04 6.03 8.55
CA ARG B 59 12.53 7.11 7.73
C ARG B 59 11.25 7.61 8.38
N ALA B 60 11.23 8.88 8.77
CA ALA B 60 10.10 9.45 9.50
C ALA B 60 9.52 10.69 8.81
N THR B 61 8.20 10.78 8.86
CA THR B 61 7.49 11.93 8.28
C THR B 61 6.72 12.65 9.37
N GLY B 62 6.58 13.96 9.23
CA GLY B 62 5.81 14.74 10.18
C GLY B 62 5.90 16.23 9.90
N ARG B 63 5.55 17.02 10.91
CA ARG B 63 5.61 18.47 10.78
C ARG B 63 6.72 19.06 11.62
N THR B 64 7.32 20.15 11.14
CA THR B 64 8.10 21.03 12.01
C THR B 64 7.08 21.71 12.91
N LYS B 65 7.53 22.47 13.90
CA LYS B 65 6.57 23.11 14.80
C LYS B 65 5.88 24.33 14.17
N GLN B 66 6.19 24.62 12.89
CA GLN B 66 5.31 25.40 12.04
C GLN B 66 4.40 24.42 11.26
N GLY B 67 3.84 24.82 10.12
CA GLY B 67 2.94 23.94 9.40
C GLY B 67 3.65 22.89 8.55
N ASN B 68 4.58 23.40 7.72
CA ASN B 68 5.74 22.67 7.19
C ASN B 68 5.97 21.19 7.51
N PRO B 69 5.82 20.32 6.50
CA PRO B 69 6.02 18.86 6.52
C PRO B 69 7.41 18.46 6.04
N VAL B 70 8.04 17.55 6.76
CA VAL B 70 9.38 17.11 6.42
C VAL B 70 9.52 15.58 6.52
N VAL B 71 10.46 15.04 5.77
CA VAL B 71 10.83 13.63 5.92
C VAL B 71 12.25 13.58 6.47
N VAL B 72 12.46 12.74 7.48
CA VAL B 72 13.73 12.70 8.20
C VAL B 72 14.34 11.31 8.15
N TYR B 73 15.62 11.22 7.82
CA TYR B 73 16.28 9.93 7.76
C TYR B 73 17.24 9.80 8.95
N VAL B 74 16.91 8.90 9.87
CA VAL B 74 17.60 8.85 11.17
C VAL B 74 18.47 7.61 11.35
N HIS B 75 19.75 7.84 11.63
CA HIS B 75 20.73 6.77 11.76
C HIS B 75 21.32 6.69 13.16
N VAL B 76 20.70 7.40 14.10
CA VAL B 76 21.04 7.31 15.51
C VAL B 76 19.82 6.77 16.24
N ASP B 77 20.04 6.10 17.37
CA ASP B 77 18.94 5.39 18.06
C ASP B 77 17.75 6.30 18.39
N ASN B 78 16.55 5.72 18.33
CA ASN B 78 15.30 6.47 18.35
C ASN B 78 14.15 5.67 18.92
N TYR B 79 13.00 6.33 19.08
CA TYR B 79 11.77 5.72 19.60
C TYR B 79 11.43 4.36 18.99
N LEU B 80 11.78 4.17 17.71
CA LEU B 80 11.51 2.90 17.03
C LEU B 80 12.75 2.02 16.98
N SER B 81 13.83 2.46 17.62
CA SER B 81 15.06 1.64 17.71
C SER B 81 15.00 0.71 18.91
N ASN B 82 14.05 0.94 19.82
CA ASN B 82 13.81 0.01 20.91
C ASN B 82 12.75 -1.00 20.50
N PRO B 83 13.03 -2.29 20.68
CA PRO B 83 12.13 -3.33 20.18
C PRO B 83 10.78 -3.30 20.92
N GLU B 84 10.74 -2.55 22.01
CA GLU B 84 9.53 -2.41 22.81
C GLU B 84 8.43 -1.75 22.00
N ASN B 85 8.67 -0.52 21.57
CA ASN B 85 7.66 0.25 20.84
C ASN B 85 7.34 -0.31 19.46
N ILE B 86 8.29 -1.03 18.88
CA ILE B 86 8.04 -1.72 17.62
C ILE B 86 6.81 -2.63 17.77
N ARG B 87 6.68 -3.28 18.92
CA ARG B 87 5.48 -4.06 19.25
C ARG B 87 4.19 -3.23 19.31
N ASN B 88 4.04 -2.47 20.38
CA ASN B 88 2.73 -1.95 20.72
C ASN B 88 2.48 -0.49 20.40
N ALA B 89 3.26 0.09 19.50
CA ALA B 89 2.93 1.41 18.98
C ALA B 89 1.94 1.23 17.83
N GLU B 90 0.96 2.13 17.74
CA GLU B 90 -0.07 2.06 16.69
C GLU B 90 0.59 2.10 15.31
N ARG B 91 -0.06 1.51 14.32
CA ARG B 91 0.49 1.48 12.97
C ARG B 91 -0.48 1.96 11.86
N ILE B 92 -0.35 3.23 11.49
CA ILE B 92 -1.02 3.79 10.30
C ILE B 92 -0.28 3.34 9.04
N ASN B 93 -0.95 2.55 8.23
CA ASN B 93 -0.29 1.67 7.27
C ASN B 93 0.79 0.88 7.97
N GLY B 94 1.93 0.67 7.32
CA GLY B 94 2.99 -0.08 7.94
C GLY B 94 3.80 0.72 8.94
N ALA B 95 3.62 2.04 8.91
CA ALA B 95 4.44 2.96 9.69
C ALA B 95 3.98 3.05 11.15
N GLY B 96 4.85 2.67 12.07
CA GLY B 96 4.55 2.84 13.48
C GLY B 96 4.44 4.31 13.87
N VAL B 97 3.51 4.62 14.77
CA VAL B 97 3.25 6.00 15.15
C VAL B 97 4.29 6.52 16.14
N PRO B 99 5.50 9.78 18.94
CA PRO B 99 5.15 10.93 19.79
C PRO B 99 5.68 12.25 19.24
N VAL B 100 4.80 13.23 19.13
CA VAL B 100 5.08 14.50 18.45
C VAL B 100 6.37 15.20 18.92
N ASP B 101 6.85 14.81 20.10
CA ASP B 101 8.07 15.39 20.65
C ASP B 101 9.31 14.55 20.31
N GLU B 102 9.13 13.24 20.19
CA GLU B 102 10.20 12.38 19.69
C GLU B 102 10.65 12.88 18.34
N PHE B 103 9.70 13.02 17.43
CA PHE B 103 9.94 13.55 16.10
C PHE B 103 10.71 14.88 16.16
N GLN B 104 10.21 15.82 16.96
CA GLN B 104 10.83 17.13 16.99
C GLN B 104 12.20 17.17 17.69
N ARG B 105 12.49 16.19 18.54
CA ARG B 105 13.84 16.11 19.08
C ARG B 105 14.81 15.62 18.00
N LEU B 106 14.34 14.70 17.16
CA LEU B 106 15.16 14.20 16.06
C LEU B 106 15.33 15.33 15.07
N LEU B 107 14.24 16.06 14.81
CA LEU B 107 14.23 17.15 13.83
C LEU B 107 15.40 18.12 13.91
N ASP B 108 15.80 18.48 15.12
CA ASP B 108 16.87 19.46 15.28
C ASP B 108 18.20 18.79 15.58
N LEU B 109 18.19 17.46 15.68
CA LEU B 109 19.43 16.69 15.63
C LEU B 109 19.96 16.65 14.19
N GLY B 110 19.23 17.31 13.28
CA GLY B 110 19.58 17.33 11.88
C GLY B 110 20.93 17.96 11.64
N ASP B 111 21.84 17.20 11.02
CA ASP B 111 23.22 17.65 10.82
C ASP B 111 23.84 17.14 9.53
N ASN B 112 23.06 16.44 8.71
CA ASN B 112 23.57 15.85 7.49
C ASN B 112 24.84 14.99 7.65
N LYS B 113 24.94 14.27 8.77
CA LYS B 113 25.87 13.15 8.86
C LYS B 113 25.23 12.04 9.68
N ASN B 114 24.45 12.43 10.69
CA ASN B 114 23.78 11.45 11.54
C ASN B 114 22.26 11.45 11.39
N VAL B 115 21.72 12.64 11.12
CA VAL B 115 20.30 12.78 10.90
C VAL B 115 20.06 13.75 9.75
N PHE B 116 19.35 13.29 8.72
CA PHE B 116 19.10 14.13 7.55
C PHE B 116 17.65 14.56 7.53
N VAL B 117 17.44 15.84 7.25
CA VAL B 117 16.08 16.34 7.11
C VAL B 117 15.90 16.87 5.70
N ILE B 118 14.91 16.32 4.99
CA ILE B 118 14.60 16.82 3.65
C ILE B 118 13.15 17.33 3.57
N ASP B 119 12.90 18.21 2.61
CA ASP B 119 11.55 18.70 2.40
C ASP B 119 10.65 17.56 1.90
N TYR B 120 9.47 17.44 2.51
CA TYR B 120 8.44 16.49 2.08
C TYR B 120 7.95 16.70 0.65
N ASP B 121 7.86 17.96 0.23
CA ASP B 121 7.50 18.26 -1.14
C ASP B 121 8.53 17.69 -2.14
N LYS B 122 9.78 17.58 -1.72
CA LYS B 122 10.86 17.06 -2.57
C LYS B 122 10.82 15.52 -2.73
N LEU B 123 10.60 14.80 -1.64
CA LEU B 123 10.50 13.35 -1.70
C LEU B 123 9.27 12.96 -2.50
N LYS B 124 8.20 13.72 -2.28
CA LYS B 124 6.93 13.51 -2.96
C LYS B 124 7.02 13.74 -4.46
N SER B 125 7.93 14.62 -4.88
CA SER B 125 8.17 14.86 -6.31
C SER B 125 8.91 13.70 -6.97
N SER B 126 9.60 12.89 -6.18
CA SER B 126 10.50 11.88 -6.72
C SER B 126 9.85 10.54 -6.92
N SER B 127 10.38 9.78 -7.87
CA SER B 127 9.92 8.44 -8.15
C SER B 127 10.08 7.47 -6.99
N SER B 128 9.16 6.52 -6.92
CA SER B 128 9.29 5.38 -6.05
C SER B 128 9.30 4.19 -6.97
N GLY B 129 10.44 3.51 -7.03
CA GLY B 129 10.53 2.30 -7.83
C GLY B 129 11.92 2.19 -8.38
N VAL B 130 12.10 1.29 -9.35
CA VAL B 130 13.39 1.00 -9.94
C VAL B 130 13.80 2.04 -11.00
N ILE B 131 14.99 2.61 -10.84
CA ILE B 131 15.48 3.61 -11.78
C ILE B 131 16.93 3.32 -12.17
N PRO B 132 17.41 3.95 -13.25
CA PRO B 132 18.82 3.73 -13.59
C PRO B 132 19.76 4.43 -12.60
N VAL B 133 20.94 3.86 -12.39
CA VAL B 133 21.85 4.34 -11.36
C VAL B 133 22.49 5.66 -11.73
N GLU B 134 22.41 6.05 -13.00
CA GLU B 134 22.89 7.35 -13.45
C GLU B 134 22.13 8.47 -12.76
N ARG B 135 20.88 8.20 -12.44
CA ARG B 135 19.97 9.19 -11.86
C ARG B 135 19.92 9.05 -10.33
N ALA B 136 20.59 8.03 -9.81
CA ALA B 136 20.44 7.66 -8.40
C ALA B 136 20.93 8.72 -7.41
N LEU B 137 22.14 9.24 -7.63
CA LEU B 137 22.71 10.18 -6.67
C LEU B 137 21.81 11.42 -6.55
N GLU B 138 21.22 11.84 -7.67
CA GLU B 138 20.26 12.97 -7.71
C GLU B 138 19.00 12.81 -6.87
N HIS B 139 18.50 11.58 -6.78
CA HIS B 139 17.24 11.30 -6.09
C HIS B 139 17.29 11.77 -4.65
N PRO B 140 16.22 12.48 -4.20
CA PRO B 140 16.10 13.04 -2.86
C PRO B 140 16.37 12.04 -1.75
N GLN B 141 16.04 10.78 -1.97
CA GLN B 141 16.17 9.81 -0.89
C GLN B 141 17.59 9.23 -0.79
N THR B 142 18.28 9.06 -1.90
CA THR B 142 19.53 8.31 -1.93
C THR B 142 20.59 8.73 -0.91
N ILE B 143 20.99 10.00 -0.93
CA ILE B 143 22.08 10.45 -0.04
C ILE B 143 21.71 10.43 1.47
N PRO B 144 20.52 10.93 1.85
CA PRO B 144 20.14 10.78 3.27
C PRO B 144 19.98 9.32 3.74
N PHE B 145 19.46 8.46 2.88
CA PHE B 145 19.27 7.03 3.18
C PHE B 145 20.59 6.35 3.53
N ILE B 146 21.53 6.39 2.59
CA ILE B 146 22.83 5.80 2.76
C ILE B 146 23.65 6.53 3.84
N GLY B 147 23.39 7.80 4.02
CA GLY B 147 24.05 8.59 5.05
C GLY B 147 25.37 9.19 4.58
N GLY B 148 25.28 10.19 3.72
CA GLY B 148 26.46 10.89 3.24
C GLY B 148 26.65 10.79 1.74
N GLU B 149 27.12 11.87 1.14
CA GLU B 149 27.31 11.88 -0.31
C GLU B 149 28.45 10.96 -0.71
N GLU B 150 29.56 11.04 0.01
CA GLU B 150 30.72 10.24 -0.38
C GLU B 150 30.35 8.78 -0.33
N ARG B 151 29.72 8.36 0.77
CA ARG B 151 29.36 6.95 0.95
C ARG B 151 28.40 6.49 -0.14
N ALA B 152 27.41 7.34 -0.44
CA ALA B 152 26.38 6.95 -1.40
C ALA B 152 26.98 6.76 -2.78
N GLN B 153 27.99 7.55 -3.10
CA GLN B 153 28.62 7.41 -4.40
C GLN B 153 29.55 6.22 -4.44
N ARG B 154 30.20 5.96 -3.31
CA ARG B 154 31.03 4.77 -3.21
C ARG B 154 30.13 3.53 -3.30
N TYR B 155 29.00 3.56 -2.59
CA TYR B 155 28.07 2.46 -2.65
C TYR B 155 27.53 2.21 -4.06
N LEU B 156 27.27 3.27 -4.79
CA LEU B 156 26.67 3.11 -6.10
C LEU B 156 27.64 2.43 -7.05
N GLU B 157 28.94 2.67 -6.89
CA GLU B 157 29.88 2.02 -7.80
C GLU B 157 29.98 0.55 -7.45
N LYS B 158 29.76 0.24 -6.17
CA LYS B 158 29.70 -1.15 -5.72
C LYS B 158 28.44 -1.80 -6.30
N PHE B 159 27.35 -1.03 -6.31
CA PHE B 159 26.06 -1.55 -6.78
C PHE B 159 26.13 -1.98 -8.24
N LYS B 160 26.82 -1.20 -9.07
CA LYS B 160 26.97 -1.54 -10.48
C LYS B 160 27.76 -2.83 -10.68
N GLN B 161 28.51 -3.25 -9.67
CA GLN B 161 29.33 -4.47 -9.75
C GLN B 161 28.55 -5.70 -9.33
N VAL B 162 27.80 -5.54 -8.24
CA VAL B 162 27.08 -6.64 -7.61
C VAL B 162 25.63 -6.79 -8.09
N TYR B 163 24.89 -5.69 -8.18
CA TYR B 163 23.45 -5.79 -8.41
C TYR B 163 22.96 -5.31 -9.77
N GLY B 164 23.83 -4.66 -10.56
CA GLY B 164 23.45 -4.22 -11.89
C GLY B 164 23.33 -2.71 -12.11
N ASN B 165 22.85 -2.30 -13.27
CA ASN B 165 22.72 -0.87 -13.59
C ASN B 165 21.39 -0.19 -13.21
N ASN B 166 20.49 -0.95 -12.60
CA ASN B 166 19.20 -0.40 -12.18
C ASN B 166 18.92 -0.64 -10.72
N ILE B 167 18.59 0.43 -10.02
CA ILE B 167 18.45 0.35 -8.59
C ILE B 167 17.04 0.73 -8.17
N GLY B 168 16.53 0.03 -7.17
CA GLY B 168 15.26 0.40 -6.60
C GLY B 168 15.46 1.47 -5.55
N ILE B 169 14.65 2.53 -5.62
CA ILE B 169 14.57 3.54 -4.58
C ILE B 169 13.09 3.75 -4.23
N TRP B 170 12.68 3.26 -3.07
CA TRP B 170 11.25 3.17 -2.76
C TRP B 170 10.85 3.99 -1.53
N HIS B 171 9.68 4.63 -1.61
CA HIS B 171 9.18 5.45 -0.50
C HIS B 171 7.67 5.64 -0.55
N CYS B 172 7.10 5.97 0.61
CA CYS B 172 5.67 6.14 0.81
C CYS B 172 5.30 7.55 1.07
N ASP B 173 3.99 7.78 1.17
CA ASP B 173 3.49 9.05 1.62
C ASP B 173 3.01 8.87 3.04
N ASP B 174 3.82 9.32 4.01
CA ASP B 174 3.47 9.14 5.40
C ASP B 174 3.22 10.46 6.14
N LEU B 175 2.70 11.45 5.43
CA LEU B 175 2.24 12.64 6.10
C LEU B 175 0.79 12.43 6.53
N LYS B 176 0.62 11.91 7.74
CA LYS B 176 -0.73 11.68 8.25
C LYS B 176 -1.07 12.67 9.38
N ASP B 177 -1.58 12.16 10.50
CA ASP B 177 -2.00 13.02 11.60
C ASP B 177 -0.91 13.09 12.66
N GLU B 178 -0.57 11.92 13.19
CA GLU B 178 0.62 11.78 14.02
C GLU B 178 1.83 11.50 13.14
N PRO B 179 3.02 11.90 13.58
CA PRO B 179 4.28 11.53 12.93
C PRO B 179 4.42 10.00 12.81
N LEU B 180 4.93 9.55 11.68
CA LEU B 180 5.07 8.13 11.40
C LEU B 180 6.49 7.81 10.98
N GLY B 181 6.90 6.55 11.17
CA GLY B 181 8.24 6.11 10.81
C GLY B 181 8.32 4.64 10.43
N ARG B 182 9.29 4.30 9.58
CA ARG B 182 9.50 2.91 9.14
C ARG B 182 10.99 2.59 9.14
N LEU B 183 11.34 1.33 9.39
CA LEU B 183 12.75 0.93 9.41
C LEU B 183 13.31 0.65 8.00
N LEU B 184 14.56 1.02 7.78
CA LEU B 184 15.15 1.00 6.43
C LEU B 184 15.64 -0.36 6.01
N PHE B 185 15.29 -0.79 4.79
CA PHE B 185 15.75 -2.08 4.28
C PHE B 185 16.67 -1.89 3.09
N VAL B 186 17.59 -2.83 2.89
CA VAL B 186 18.39 -2.82 1.68
C VAL B 186 18.26 -4.18 0.97
N GLY B 187 17.92 -4.13 -0.31
CA GLY B 187 17.44 -5.30 -1.02
C GLY B 187 18.44 -6.33 -1.51
N ASP B 188 17.90 -7.47 -1.92
CA ASP B 188 18.70 -8.56 -2.44
C ASP B 188 18.86 -8.39 -3.93
N TYR B 189 19.09 -9.47 -4.65
CA TYR B 189 19.31 -9.37 -6.09
C TYR B 189 17.99 -9.31 -6.88
N CYS B 190 16.87 -9.46 -6.18
CA CYS B 190 15.59 -9.57 -6.87
C CYS B 190 14.68 -8.40 -6.54
N ASN B 191 14.73 -7.96 -5.29
CA ASN B 191 14.10 -6.73 -4.90
C ASN B 191 15.20 -5.80 -4.43
N ASN B 192 16.03 -5.32 -5.35
CA ASN B 192 17.24 -4.62 -4.95
C ASN B 192 16.97 -3.17 -4.49
N GLY B 193 17.96 -2.58 -3.85
CA GLY B 193 17.98 -1.15 -3.63
C GLY B 193 17.73 -0.66 -2.23
N LEU B 194 17.26 0.59 -2.15
CA LEU B 194 17.05 1.28 -0.89
C LEU B 194 15.57 1.32 -0.60
N ILE B 195 15.14 0.55 0.39
CA ILE B 195 13.73 0.36 0.61
C ILE B 195 13.25 1.18 1.79
N GLY B 196 12.45 2.20 1.51
CA GLY B 196 11.93 3.06 2.55
C GLY B 196 10.42 2.97 2.69
N ASN B 197 9.82 1.93 2.14
CA ASN B 197 8.37 1.80 2.20
C ASN B 197 7.82 0.61 3.00
N TYR B 198 8.65 -0.33 3.42
CA TYR B 198 8.13 -1.50 4.16
C TYR B 198 7.51 -1.13 5.50
N GLY B 199 6.56 -1.96 5.95
CA GLY B 199 5.94 -1.77 7.24
C GLY B 199 6.72 -2.46 8.35
N ILE B 200 6.64 -1.90 9.55
CA ILE B 200 7.32 -2.49 10.71
C ILE B 200 6.63 -3.77 11.19
N GLY B 201 7.31 -4.51 12.07
CA GLY B 201 6.68 -5.61 12.78
C GLY B 201 6.86 -7.01 12.23
N ASN B 202 7.07 -7.11 10.93
CA ASN B 202 7.11 -8.42 10.30
C ASN B 202 8.53 -8.83 10.00
N TYR B 203 8.78 -9.41 8.82
CA TYR B 203 10.10 -9.92 8.49
C TYR B 203 11.21 -8.87 8.63
N ALA B 204 12.34 -9.28 9.18
CA ALA B 204 13.48 -8.39 9.41
C ALA B 204 14.74 -9.24 9.33
N ARG B 205 15.90 -8.60 9.27
CA ARG B 205 17.20 -9.28 9.33
C ARG B 205 18.27 -8.26 9.66
N PHE B 206 18.42 -7.98 10.95
CA PHE B 206 19.40 -7.04 11.43
C PHE B 206 20.82 -7.61 11.38
N VAL B 207 21.81 -6.76 11.62
CA VAL B 207 23.20 -7.19 11.72
C VAL B 207 23.78 -6.72 13.04
N GLY B 208 24.13 -7.67 13.89
CA GLY B 208 24.76 -7.40 15.17
C GLY B 208 26.26 -7.65 15.13
N VAL B 209 27.04 -6.66 15.56
CA VAL B 209 28.50 -6.79 15.44
C VAL B 209 29.10 -7.47 16.68
N ARG B 210 29.23 -6.75 17.79
CA ARG B 210 29.75 -7.28 19.08
C ARG B 210 29.57 -6.25 20.17
#